data_6CCS
#
_entry.id   6CCS
#
_cell.length_a   134.993
_cell.length_b   134.993
_cell.length_c   134.993
_cell.angle_alpha   90.000
_cell.angle_beta   90.000
_cell.angle_gamma   90.000
#
_symmetry.space_group_name_H-M   'I 2 3'
#
loop_
_entity.id
_entity.type
_entity.pdbx_description
1 polymer 'Phosphopantetheine adenylyltransferase'
2 non-polymer 2-(trifluoromethyl)-1H-benzimidazol-7-ol
3 non-polymer 'SULFATE ION'
4 water water
#
_entity_poly.entity_id   1
_entity_poly.type   'polypeptide(L)'
_entity_poly.pdbx_seq_one_letter_code
;MQKRAIYPGTFDPITNGHIDIVTRATQMFDHVILAIAASPSKKPMFTLEERVALAQQATAHLGNVEVVGFSDLMANFARN
QHATVLIRGLRAVADFEYEMQLAHMNRHLMPELESVFLMPSKEWSFISSSLVKEVARHQGDVTHFLPENVHQALMAKLAV
D
;
_entity_poly.pdbx_strand_id   A,B
#
# COMPACT_ATOMS: atom_id res chain seq x y z
N GLN A 2 11.37 7.97 14.77
CA GLN A 2 12.03 8.01 13.46
C GLN A 2 11.69 6.75 12.59
N LYS A 3 10.76 6.90 11.62
CA LYS A 3 10.32 5.84 10.74
C LYS A 3 11.11 5.89 9.43
N ARG A 4 11.79 4.78 9.08
CA ARG A 4 12.66 4.69 7.90
C ARG A 4 12.11 3.75 6.85
N ALA A 5 11.93 4.29 5.64
CA ALA A 5 11.37 3.54 4.52
C ALA A 5 12.40 3.48 3.42
N ILE A 6 12.41 2.34 2.72
CA ILE A 6 13.24 2.14 1.52
C ILE A 6 12.32 2.09 0.27
N TYR A 7 12.73 2.72 -0.81
CA TYR A 7 11.99 2.70 -2.06
C TYR A 7 12.95 2.08 -3.09
N PRO A 8 12.95 0.73 -3.23
CA PRO A 8 13.91 0.11 -4.15
C PRO A 8 13.40 0.00 -5.59
N GLY A 9 14.34 -0.07 -6.54
CA GLY A 9 14.02 -0.21 -7.96
C GLY A 9 15.25 -0.08 -8.83
N THR A 10 15.09 -0.32 -10.15
CA THR A 10 16.19 -0.26 -11.11
C THR A 10 16.44 1.20 -11.51
N PHE A 11 15.35 2.00 -11.60
CA PHE A 11 15.38 3.43 -11.92
C PHE A 11 16.34 3.69 -13.07
N ASP A 12 16.06 3.06 -14.22
CA ASP A 12 16.88 3.13 -15.43
C ASP A 12 16.17 3.78 -16.63
N PRO A 13 15.97 5.11 -16.64
CA PRO A 13 16.33 6.08 -15.61
C PRO A 13 15.13 6.43 -14.72
N ILE A 14 15.38 7.23 -13.67
CA ILE A 14 14.30 7.71 -12.80
C ILE A 14 13.36 8.59 -13.64
N THR A 15 12.02 8.40 -13.50
CA THR A 15 11.01 9.18 -14.24
C THR A 15 10.21 10.06 -13.27
N ASN A 16 9.31 10.90 -13.81
CA ASN A 16 8.39 11.69 -13.00
C ASN A 16 7.45 10.79 -12.22
N GLY A 17 7.19 9.58 -12.73
CA GLY A 17 6.37 8.58 -12.04
C GLY A 17 7.03 8.18 -10.75
N HIS A 18 8.34 7.94 -10.81
CA HIS A 18 9.17 7.62 -9.63
C HIS A 18 9.27 8.80 -8.68
N ILE A 19 9.35 10.03 -9.22
CA ILE A 19 9.44 11.23 -8.41
C ILE A 19 8.14 11.39 -7.63
N ASP A 20 7.01 11.15 -8.31
CA ASP A 20 5.71 11.20 -7.67
C ASP A 20 5.67 10.25 -6.46
N ILE A 21 6.07 8.97 -6.63
CA ILE A 21 6.04 7.96 -5.55
C ILE A 21 6.95 8.35 -4.35
N VAL A 22 8.21 8.73 -4.63
CA VAL A 22 9.14 9.08 -3.57
C VAL A 22 8.65 10.31 -2.78
N THR A 23 8.03 11.29 -3.47
CA THR A 23 7.48 12.50 -2.83
C THR A 23 6.35 12.08 -1.88
N ARG A 24 5.42 11.20 -2.34
CA ARG A 24 4.32 10.70 -1.50
C ARG A 24 4.91 9.98 -0.27
N ALA A 25 6.02 9.24 -0.46
CA ALA A 25 6.68 8.50 0.62
C ALA A 25 7.29 9.46 1.68
N THR A 26 7.84 10.63 1.27
CA THR A 26 8.43 11.62 2.22
C THR A 26 7.38 12.36 3.03
N GLN A 27 6.12 12.37 2.56
CA GLN A 27 5.01 13.00 3.27
C GLN A 27 4.49 12.03 4.32
N MET A 28 4.75 10.74 4.12
CA MET A 28 4.30 9.72 5.06
C MET A 28 5.36 9.29 6.09
N PHE A 29 6.63 9.17 5.66
CA PHE A 29 7.70 8.67 6.51
C PHE A 29 8.81 9.68 6.73
N ASP A 30 9.43 9.65 7.90
CA ASP A 30 10.48 10.57 8.32
C ASP A 30 11.72 10.58 7.42
N HIS A 31 12.17 9.38 7.01
CA HIS A 31 13.34 9.25 6.17
C HIS A 31 13.08 8.23 5.09
N VAL A 32 13.38 8.60 3.85
CA VAL A 32 13.16 7.71 2.72
C VAL A 32 14.48 7.45 2.00
N ILE A 33 14.83 6.17 1.85
CA ILE A 33 16.04 5.80 1.13
C ILE A 33 15.59 5.38 -0.27
N LEU A 34 15.98 6.15 -1.32
CA LEU A 34 15.67 5.76 -2.69
C LEU A 34 16.84 4.84 -3.05
N ALA A 35 16.56 3.53 -3.17
CA ALA A 35 17.59 2.50 -3.33
C ALA A 35 17.63 1.94 -4.71
N ILE A 36 18.75 2.13 -5.38
CA ILE A 36 18.88 1.73 -6.78
C ILE A 36 19.58 0.40 -6.92
N ALA A 37 18.86 -0.62 -7.40
CA ALA A 37 19.43 -1.96 -7.57
C ALA A 37 20.35 -1.97 -8.79
N ALA A 38 21.49 -2.66 -8.69
CA ALA A 38 22.44 -2.74 -9.81
C ALA A 38 21.76 -3.34 -11.02
N SER A 39 20.91 -4.38 -10.79
CA SER A 39 20.11 -5.11 -11.78
C SER A 39 20.87 -5.52 -13.07
N PRO A 40 22.08 -6.15 -13.03
CA PRO A 40 22.73 -6.52 -14.31
C PRO A 40 21.90 -7.42 -15.22
N SER A 41 21.03 -8.29 -14.65
CA SER A 41 20.17 -9.17 -15.46
C SER A 41 19.25 -8.39 -16.41
N LYS A 42 18.91 -7.15 -16.05
CA LYS A 42 18.04 -6.28 -16.86
C LYS A 42 18.82 -5.55 -17.95
N LYS A 43 20.18 -5.69 -17.98
CA LYS A 43 21.09 -5.03 -18.95
C LYS A 43 20.73 -3.53 -18.99
N PRO A 44 20.93 -2.81 -17.87
CA PRO A 44 20.49 -1.40 -17.83
C PRO A 44 21.23 -0.47 -18.77
N MET A 45 20.51 0.53 -19.30
CA MET A 45 21.02 1.55 -20.21
C MET A 45 22.07 2.39 -19.51
N PHE A 46 21.79 2.78 -18.24
CA PHE A 46 22.69 3.59 -17.44
C PHE A 46 23.38 2.74 -16.39
N THR A 47 24.65 3.03 -16.09
CA THR A 47 25.40 2.32 -15.05
C THR A 47 24.77 2.67 -13.70
N LEU A 48 25.08 1.89 -12.67
CA LEU A 48 24.56 2.14 -11.34
C LEU A 48 24.94 3.54 -10.88
N GLU A 49 26.21 3.94 -11.10
CA GLU A 49 26.76 5.25 -10.74
C GLU A 49 26.04 6.39 -11.44
N GLU A 50 25.67 6.19 -12.73
CA GLU A 50 24.93 7.19 -13.51
C GLU A 50 23.51 7.31 -12.94
N ARG A 51 22.86 6.16 -12.64
CA ARG A 51 21.50 6.14 -12.09
C ARG A 51 21.42 6.82 -10.73
N VAL A 52 22.42 6.59 -9.86
CA VAL A 52 22.56 7.21 -8.53
C VAL A 52 22.69 8.75 -8.71
N ALA A 53 23.64 9.23 -9.56
CA ALA A 53 23.82 10.66 -9.81
C ALA A 53 22.54 11.32 -10.35
N LEU A 54 21.84 10.68 -11.31
CA LEU A 54 20.60 11.23 -11.88
C LEU A 54 19.52 11.36 -10.83
N ALA A 55 19.35 10.31 -9.99
CA ALA A 55 18.35 10.30 -8.92
C ALA A 55 18.69 11.30 -7.81
N GLN A 56 19.97 11.43 -7.45
CA GLN A 56 20.44 12.42 -6.46
C GLN A 56 20.04 13.81 -6.92
N GLN A 57 20.40 14.16 -8.16
CA GLN A 57 20.07 15.46 -8.75
C GLN A 57 18.56 15.66 -8.88
N ALA A 58 17.80 14.61 -9.27
CA ALA A 58 16.33 14.71 -9.41
C ALA A 58 15.56 14.90 -8.10
N THR A 59 16.09 14.37 -6.99
CA THR A 59 15.42 14.41 -5.68
C THR A 59 16.08 15.38 -4.68
N ALA A 60 17.09 16.16 -5.13
CA ALA A 60 17.82 17.10 -4.25
C ALA A 60 16.90 18.14 -3.58
N HIS A 61 15.72 18.43 -4.17
CA HIS A 61 14.73 19.38 -3.64
C HIS A 61 13.98 18.79 -2.44
N LEU A 62 14.03 17.46 -2.26
CA LEU A 62 13.39 16.72 -1.19
C LEU A 62 14.42 16.41 -0.10
N GLY A 63 14.33 17.16 0.99
CA GLY A 63 15.27 17.07 2.11
C GLY A 63 15.40 15.74 2.82
N ASN A 64 14.33 14.92 2.84
CA ASN A 64 14.41 13.67 3.59
C ASN A 64 14.57 12.43 2.68
N VAL A 65 15.15 12.67 1.48
CA VAL A 65 15.47 11.61 0.52
C VAL A 65 16.98 11.38 0.52
N GLU A 66 17.39 10.12 0.69
CA GLU A 66 18.79 9.69 0.60
C GLU A 66 18.89 8.68 -0.57
N VAL A 67 19.75 8.95 -1.56
CA VAL A 67 19.86 8.05 -2.72
C VAL A 67 21.07 7.14 -2.56
N VAL A 68 20.90 5.83 -2.70
CA VAL A 68 22.02 4.88 -2.57
C VAL A 68 21.89 3.74 -3.57
N GLY A 69 23.01 3.24 -4.06
CA GLY A 69 23.02 2.09 -4.96
C GLY A 69 23.26 0.81 -4.19
N PHE A 70 22.80 -0.34 -4.69
CA PHE A 70 23.07 -1.61 -3.98
C PHE A 70 23.07 -2.79 -4.97
N SER A 71 23.91 -3.78 -4.71
CA SER A 71 23.98 -5.02 -5.48
C SER A 71 23.50 -6.16 -4.57
N ASP A 72 23.23 -5.84 -3.30
CA ASP A 72 22.78 -6.83 -2.31
C ASP A 72 21.35 -7.28 -2.58
N LEU A 73 20.92 -8.30 -1.84
CA LEU A 73 19.53 -8.76 -1.80
C LEU A 73 18.80 -7.53 -1.18
N MET A 74 17.66 -7.07 -1.77
CA MET A 74 17.03 -5.86 -1.22
C MET A 74 16.57 -6.02 0.26
N ALA A 75 16.20 -7.23 0.71
CA ALA A 75 15.77 -7.47 2.10
C ALA A 75 16.96 -7.23 3.08
N ASN A 76 18.17 -7.69 2.71
CA ASN A 76 19.39 -7.49 3.51
C ASN A 76 19.74 -6.01 3.53
N PHE A 77 19.66 -5.34 2.38
CA PHE A 77 19.93 -3.90 2.25
C PHE A 77 18.94 -3.10 3.13
N ALA A 78 17.64 -3.46 3.11
CA ALA A 78 16.62 -2.81 3.95
C ALA A 78 16.96 -3.03 5.42
N ARG A 79 17.36 -4.26 5.82
CA ARG A 79 17.76 -4.52 7.20
C ARG A 79 18.97 -3.66 7.58
N ASN A 80 19.96 -3.58 6.69
CA ASN A 80 21.20 -2.83 6.92
C ASN A 80 21.02 -1.33 6.91
N GLN A 81 19.91 -0.85 6.37
CA GLN A 81 19.54 0.57 6.35
C GLN A 81 18.61 0.91 7.50
N HIS A 82 18.29 -0.10 8.37
CA HIS A 82 17.36 0.03 9.49
C HIS A 82 15.95 0.46 9.00
N ALA A 83 15.53 -0.03 7.83
CA ALA A 83 14.22 0.31 7.25
C ALA A 83 13.20 -0.73 7.72
N THR A 84 11.95 -0.30 7.94
CA THR A 84 10.87 -1.20 8.41
C THR A 84 9.72 -1.13 7.45
N VAL A 85 9.88 -0.29 6.42
CA VAL A 85 8.88 -0.05 5.39
C VAL A 85 9.58 -0.14 4.03
N LEU A 86 8.96 -0.88 3.12
CA LEU A 86 9.43 -1.01 1.75
C LEU A 86 8.34 -0.48 0.82
N ILE A 87 8.62 0.64 0.15
CA ILE A 87 7.66 1.30 -0.75
C ILE A 87 7.81 0.74 -2.18
N ARG A 88 6.69 0.52 -2.87
CA ARG A 88 6.60 0.14 -4.29
C ARG A 88 5.40 0.88 -4.85
N GLY A 89 5.51 1.35 -6.08
CA GLY A 89 4.41 2.06 -6.74
C GLY A 89 3.54 1.05 -7.47
N LEU A 90 2.21 1.24 -7.45
CA LEU A 90 1.28 0.34 -8.15
C LEU A 90 0.55 1.04 -9.27
N ARG A 91 1.04 0.87 -10.51
CA ARG A 91 0.44 1.47 -11.70
C ARG A 91 -0.79 0.71 -12.19
N ALA A 92 -0.62 -0.59 -12.50
CA ALA A 92 -1.68 -1.45 -13.04
C ALA A 92 -1.55 -2.94 -12.63
N VAL A 93 -2.56 -3.77 -13.04
CA VAL A 93 -2.72 -5.20 -12.76
C VAL A 93 -1.44 -6.05 -13.01
N ALA A 94 -0.78 -5.86 -14.17
CA ALA A 94 0.42 -6.61 -14.56
C ALA A 94 1.59 -6.45 -13.56
N ASP A 95 1.80 -5.22 -13.04
CA ASP A 95 2.85 -4.95 -12.06
C ASP A 95 2.50 -5.63 -10.74
N PHE A 96 1.26 -5.44 -10.30
CA PHE A 96 0.65 -5.96 -9.08
C PHE A 96 0.93 -7.46 -8.82
N GLU A 97 0.77 -8.31 -9.85
CA GLU A 97 1.02 -9.76 -9.81
C GLU A 97 2.44 -10.04 -9.35
N TYR A 98 3.45 -9.43 -10.03
CA TYR A 98 4.85 -9.59 -9.66
C TYR A 98 5.17 -8.96 -8.29
N GLU A 99 4.52 -7.81 -7.98
CA GLU A 99 4.68 -7.10 -6.70
C GLU A 99 4.30 -8.01 -5.52
N MET A 100 3.24 -8.82 -5.68
N MET A 100 3.22 -8.81 -5.66
CA MET A 100 2.80 -9.77 -4.64
CA MET A 100 2.79 -9.75 -4.63
C MET A 100 3.84 -10.85 -4.39
C MET A 100 3.85 -10.82 -4.38
N GLN A 101 4.51 -11.34 -5.46
CA GLN A 101 5.55 -12.37 -5.37
C GLN A 101 6.77 -11.82 -4.63
N LEU A 102 7.22 -10.63 -5.04
N LEU A 102 7.21 -10.61 -5.02
CA LEU A 102 8.36 -9.96 -4.45
CA LEU A 102 8.34 -9.91 -4.42
C LEU A 102 8.08 -9.66 -2.97
C LEU A 102 8.07 -9.67 -2.95
N ALA A 103 6.89 -9.11 -2.64
CA ALA A 103 6.49 -8.80 -1.27
C ALA A 103 6.36 -10.06 -0.37
N HIS A 104 5.80 -11.16 -0.91
CA HIS A 104 5.73 -12.42 -0.15
C HIS A 104 7.12 -13.02 0.06
N MET A 105 8.02 -12.85 -0.94
CA MET A 105 9.41 -13.32 -0.82
C MET A 105 10.14 -12.47 0.25
N ASN A 106 10.06 -11.15 0.14
CA ASN A 106 10.66 -10.23 1.11
C ASN A 106 10.14 -10.47 2.51
N ARG A 107 8.86 -10.85 2.64
CA ARG A 107 8.27 -11.13 3.94
C ARG A 107 8.91 -12.39 4.54
N HIS A 108 9.21 -13.39 3.71
CA HIS A 108 9.90 -14.61 4.14
C HIS A 108 11.34 -14.27 4.60
N LEU A 109 12.01 -13.37 3.87
CA LEU A 109 13.40 -12.98 4.16
C LEU A 109 13.53 -12.06 5.37
N MET A 110 12.60 -11.10 5.54
CA MET A 110 12.58 -10.12 6.63
C MET A 110 11.11 -9.87 7.06
N PRO A 111 10.52 -10.68 7.99
CA PRO A 111 9.10 -10.48 8.37
C PRO A 111 8.72 -9.11 8.90
N GLU A 112 9.63 -8.38 9.58
CA GLU A 112 9.35 -7.05 10.15
C GLU A 112 9.38 -5.91 9.11
N LEU A 113 9.79 -6.20 7.87
CA LEU A 113 9.83 -5.22 6.81
C LEU A 113 8.45 -5.21 6.13
N GLU A 114 7.69 -4.13 6.31
CA GLU A 114 6.36 -4.05 5.74
C GLU A 114 6.36 -3.47 4.34
N SER A 115 5.84 -4.23 3.36
CA SER A 115 5.75 -3.72 1.99
C SER A 115 4.47 -2.90 1.88
N VAL A 116 4.60 -1.65 1.44
CA VAL A 116 3.45 -0.77 1.27
C VAL A 116 3.42 -0.30 -0.17
N PHE A 117 2.23 -0.14 -0.73
CA PHE A 117 2.11 0.25 -2.11
C PHE A 117 1.45 1.60 -2.19
N LEU A 118 2.00 2.46 -3.03
CA LEU A 118 1.45 3.79 -3.23
C LEU A 118 0.98 3.88 -4.66
N MET A 119 -0.02 4.68 -4.90
CA MET A 119 -0.57 4.78 -6.25
C MET A 119 -0.18 6.12 -6.89
N PRO A 120 0.44 6.10 -8.08
CA PRO A 120 0.88 7.38 -8.66
C PRO A 120 -0.30 8.20 -9.17
N SER A 121 -0.07 9.46 -9.50
CA SER A 121 -1.14 10.27 -10.08
C SER A 121 -1.53 9.68 -11.44
N LYS A 122 -2.76 9.97 -11.90
CA LYS A 122 -3.27 9.55 -13.23
C LYS A 122 -2.24 9.93 -14.32
N GLU A 123 -1.58 11.09 -14.14
CA GLU A 123 -0.56 11.63 -15.05
C GLU A 123 0.55 10.65 -15.41
N TRP A 124 1.00 9.86 -14.43
CA TRP A 124 2.13 8.93 -14.61
C TRP A 124 1.70 7.47 -14.55
N SER A 125 0.41 7.21 -14.59
CA SER A 125 -0.15 5.87 -14.45
C SER A 125 0.04 4.95 -15.63
N PHE A 126 0.53 5.48 -16.78
CA PHE A 126 0.68 4.71 -18.02
C PHE A 126 2.09 4.78 -18.59
N ILE A 127 3.06 5.23 -17.79
CA ILE A 127 4.46 5.32 -18.24
C ILE A 127 5.37 4.34 -17.47
N SER A 128 6.55 4.08 -18.02
CA SER A 128 7.60 3.26 -17.39
C SER A 128 8.92 3.71 -17.97
N SER A 129 10.04 3.36 -17.31
CA SER A 129 11.37 3.71 -17.81
C SER A 129 11.54 3.11 -19.22
N SER A 130 11.12 1.85 -19.38
CA SER A 130 11.20 1.09 -20.63
C SER A 130 10.46 1.83 -21.77
N LEU A 131 9.21 2.25 -21.52
CA LEU A 131 8.41 2.99 -22.52
C LEU A 131 9.06 4.32 -22.92
N VAL A 132 9.58 5.06 -21.93
CA VAL A 132 10.22 6.36 -22.18
C VAL A 132 11.50 6.17 -23.04
N LYS A 133 12.30 5.14 -22.72
CA LYS A 133 13.52 4.83 -23.47
C LYS A 133 13.19 4.48 -24.94
N GLU A 134 12.08 3.73 -25.16
CA GLU A 134 11.64 3.32 -26.50
C GLU A 134 11.28 4.54 -27.37
N VAL A 135 10.52 5.50 -26.80
CA VAL A 135 10.12 6.72 -27.51
C VAL A 135 11.39 7.50 -27.83
N ALA A 136 12.30 7.65 -26.84
CA ALA A 136 13.55 8.38 -26.96
C ALA A 136 14.50 7.77 -27.98
N ARG A 137 14.53 6.40 -28.12
CA ARG A 137 15.35 5.70 -29.14
C ARG A 137 14.88 6.11 -30.54
N HIS A 138 13.61 6.54 -30.65
CA HIS A 138 12.99 6.95 -31.91
C HIS A 138 12.83 8.46 -32.00
N GLN A 139 13.60 9.19 -31.17
CA GLN A 139 13.67 10.66 -31.18
C GLN A 139 12.36 11.34 -30.78
N GLY A 140 11.44 10.60 -30.16
CA GLY A 140 10.18 11.19 -29.71
C GLY A 140 10.37 12.05 -28.47
N ASP A 141 9.53 13.07 -28.31
CA ASP A 141 9.63 14.02 -27.20
C ASP A 141 9.23 13.39 -25.85
N VAL A 142 10.19 13.23 -24.94
CA VAL A 142 9.92 12.69 -23.61
C VAL A 142 10.14 13.72 -22.48
N THR A 143 10.28 15.03 -22.83
CA THR A 143 10.52 16.08 -21.81
C THR A 143 9.45 16.07 -20.72
N HIS A 144 8.19 15.78 -21.09
CA HIS A 144 7.08 15.76 -20.13
C HIS A 144 7.20 14.70 -19.01
N PHE A 145 7.88 13.57 -19.27
CA PHE A 145 7.93 12.40 -18.39
C PHE A 145 9.16 12.30 -17.52
N LEU A 146 10.12 13.19 -17.71
CA LEU A 146 11.38 13.08 -16.99
C LEU A 146 11.83 14.35 -16.34
N PRO A 147 12.55 14.27 -15.20
CA PRO A 147 13.17 15.50 -14.65
C PRO A 147 14.16 16.05 -15.68
N GLU A 148 14.40 17.36 -15.68
CA GLU A 148 15.28 18.05 -16.64
C GLU A 148 16.65 17.36 -16.83
N ASN A 149 17.39 17.15 -15.71
CA ASN A 149 18.71 16.50 -15.73
C ASN A 149 18.65 15.11 -16.37
N VAL A 150 17.57 14.35 -16.12
CA VAL A 150 17.38 13.00 -16.67
C VAL A 150 17.15 13.09 -18.16
N HIS A 151 16.26 14.01 -18.58
CA HIS A 151 15.96 14.21 -20.00
C HIS A 151 17.26 14.49 -20.76
N GLN A 152 18.06 15.46 -20.30
CA GLN A 152 19.37 15.83 -20.86
C GLN A 152 20.30 14.62 -20.94
N ALA A 153 20.38 13.81 -19.86
CA ALA A 153 21.24 12.62 -19.81
C ALA A 153 20.83 11.53 -20.78
N LEU A 154 19.51 11.34 -20.95
CA LEU A 154 18.98 10.37 -21.91
C LEU A 154 19.26 10.83 -23.37
N MET A 155 19.16 12.15 -23.65
CA MET A 155 19.46 12.75 -24.97
C MET A 155 20.91 12.45 -25.34
N ALA A 156 21.82 12.73 -24.39
CA ALA A 156 23.26 12.55 -24.48
C ALA A 156 23.62 11.10 -24.76
N LYS A 157 23.09 10.17 -23.95
CA LYS A 157 23.31 8.73 -24.05
C LYS A 157 22.93 8.19 -25.43
N LEU A 158 21.80 8.65 -25.99
CA LEU A 158 21.33 8.20 -27.31
C LEU A 158 21.97 8.94 -28.50
N ALA A 159 22.78 9.98 -28.24
CA ALA A 159 23.45 10.74 -29.31
C ALA A 159 24.89 10.28 -29.56
N MET B 1 7.10 12.50 12.84
CA MET B 1 5.72 12.50 12.34
C MET B 1 4.79 11.59 13.16
N GLN B 2 3.72 12.18 13.75
CA GLN B 2 2.68 11.51 14.57
C GLN B 2 1.41 11.26 13.70
N LYS B 3 1.53 10.26 12.83
CA LYS B 3 0.58 9.86 11.83
C LYS B 3 -0.73 9.25 12.35
N ARG B 4 -1.85 9.73 11.82
CA ARG B 4 -3.17 9.19 12.11
C ARG B 4 -3.63 8.51 10.82
N ALA B 5 -3.93 7.22 10.93
CA ALA B 5 -4.36 6.43 9.79
C ALA B 5 -5.76 5.88 10.04
N ILE B 6 -6.55 5.73 8.96
N ILE B 6 -6.49 5.67 8.96
CA ILE B 6 -7.89 5.14 9.03
CA ILE B 6 -7.84 5.15 8.98
C ILE B 6 -7.89 3.87 8.19
C ILE B 6 -7.91 3.86 8.16
N TYR B 7 -8.58 2.84 8.68
CA TYR B 7 -8.74 1.56 8.01
C TYR B 7 -10.25 1.31 7.91
N PRO B 8 -10.91 1.82 6.84
CA PRO B 8 -12.35 1.67 6.74
C PRO B 8 -12.80 0.39 6.06
N GLY B 9 -14.06 0.02 6.29
CA GLY B 9 -14.66 -1.16 5.69
C GLY B 9 -16.00 -1.42 6.34
N THR B 10 -16.69 -2.44 5.85
CA THR B 10 -17.98 -2.89 6.37
C THR B 10 -17.75 -3.83 7.55
N PHE B 11 -16.64 -4.61 7.54
CA PHE B 11 -16.28 -5.57 8.59
C PHE B 11 -17.53 -6.37 9.03
N ASP B 12 -18.16 -7.05 8.07
CA ASP B 12 -19.40 -7.80 8.30
C ASP B 12 -19.27 -9.33 8.07
N PRO B 13 -18.63 -10.11 8.97
CA PRO B 13 -17.97 -9.71 10.22
C PRO B 13 -16.48 -9.47 10.01
N ILE B 14 -15.80 -9.04 11.07
CA ILE B 14 -14.36 -8.83 11.01
C ILE B 14 -13.71 -10.23 10.92
N THR B 15 -12.73 -10.40 10.02
CA THR B 15 -12.08 -11.71 9.83
C THR B 15 -10.63 -11.64 10.28
N ASN B 16 -9.92 -12.78 10.24
CA ASN B 16 -8.50 -12.82 10.55
C ASN B 16 -7.69 -12.04 9.51
N GLY B 17 -8.23 -11.91 8.30
CA GLY B 17 -7.64 -11.14 7.21
C GLY B 17 -7.57 -9.66 7.56
N HIS B 18 -8.68 -9.09 8.09
CA HIS B 18 -8.80 -7.71 8.61
C HIS B 18 -7.88 -7.50 9.81
N ILE B 19 -7.84 -8.48 10.76
CA ILE B 19 -6.95 -8.44 11.95
C ILE B 19 -5.48 -8.35 11.49
N ASP B 20 -5.09 -9.20 10.51
CA ASP B 20 -3.74 -9.18 9.95
C ASP B 20 -3.41 -7.77 9.42
N ILE B 21 -4.31 -7.19 8.60
CA ILE B 21 -4.11 -5.84 8.01
C ILE B 21 -3.99 -4.74 9.08
N VAL B 22 -4.94 -4.69 10.03
CA VAL B 22 -4.91 -3.67 11.09
C VAL B 22 -3.69 -3.85 11.99
N THR B 23 -3.20 -5.09 12.22
CA THR B 23 -1.98 -5.34 13.01
C THR B 23 -0.76 -4.77 12.29
N ARG B 24 -0.66 -4.96 10.97
CA ARG B 24 0.46 -4.43 10.16
C ARG B 24 0.44 -2.88 10.21
N ALA B 25 -0.74 -2.28 10.07
CA ALA B 25 -0.91 -0.82 10.11
C ALA B 25 -0.45 -0.22 11.46
N THR B 26 -0.72 -0.89 12.60
CA THR B 26 -0.29 -0.41 13.94
C THR B 26 1.23 -0.44 14.12
N GLN B 27 1.92 -1.27 13.31
CA GLN B 27 3.37 -1.37 13.37
C GLN B 27 4.02 -0.19 12.65
N MET B 28 3.29 0.49 11.76
CA MET B 28 3.93 1.58 11.03
C MET B 28 3.31 2.95 11.28
N PHE B 29 2.09 3.00 11.84
CA PHE B 29 1.42 4.27 12.11
C PHE B 29 1.08 4.39 13.59
N ASP B 30 1.27 5.61 14.14
CA ASP B 30 1.06 5.94 15.55
C ASP B 30 -0.36 5.67 16.04
N HIS B 31 -1.38 6.06 15.26
CA HIS B 31 -2.76 5.80 15.67
C HIS B 31 -3.57 5.30 14.48
N VAL B 32 -4.28 4.16 14.66
CA VAL B 32 -5.08 3.56 13.60
C VAL B 32 -6.54 3.54 14.01
N ILE B 33 -7.41 4.20 13.22
CA ILE B 33 -8.84 4.17 13.44
C ILE B 33 -9.39 3.06 12.55
N LEU B 34 -9.96 2.02 13.14
CA LEU B 34 -10.62 0.95 12.38
C LEU B 34 -12.08 1.46 12.26
N ALA B 35 -12.43 1.95 11.06
CA ALA B 35 -13.69 2.64 10.81
C ALA B 35 -14.71 1.73 10.14
N ILE B 36 -15.84 1.50 10.83
CA ILE B 36 -16.90 0.59 10.38
C ILE B 36 -18.04 1.36 9.75
N ALA B 37 -18.28 1.10 8.47
CA ALA B 37 -19.32 1.75 7.68
C ALA B 37 -20.71 1.27 8.09
N ALA B 38 -21.70 2.19 8.19
CA ALA B 38 -23.09 1.81 8.47
C ALA B 38 -23.53 0.81 7.35
N SER B 39 -23.11 1.11 6.10
CA SER B 39 -23.27 0.33 4.85
C SER B 39 -24.68 -0.15 4.57
N PRO B 40 -25.71 0.74 4.56
CA PRO B 40 -27.09 0.26 4.32
C PRO B 40 -27.33 -0.51 3.03
N SER B 41 -26.82 0.01 1.87
CA SER B 41 -26.98 -0.54 0.52
C SER B 41 -26.67 -2.03 0.40
N LYS B 42 -25.66 -2.51 1.13
CA LYS B 42 -25.22 -3.91 1.15
C LYS B 42 -26.12 -4.83 1.96
N LYS B 43 -26.85 -4.28 2.99
CA LYS B 43 -27.73 -4.99 3.93
C LYS B 43 -26.90 -5.99 4.77
N PRO B 44 -26.18 -5.47 5.80
CA PRO B 44 -25.26 -6.35 6.55
C PRO B 44 -25.91 -7.43 7.42
N MET B 45 -25.17 -8.56 7.62
CA MET B 45 -25.58 -9.67 8.47
C MET B 45 -25.60 -9.20 9.93
N PHE B 46 -24.58 -8.45 10.33
CA PHE B 46 -24.50 -7.93 11.69
C PHE B 46 -24.82 -6.45 11.68
N THR B 47 -25.50 -5.97 12.72
CA THR B 47 -25.83 -4.55 12.91
C THR B 47 -24.51 -3.81 13.16
N LEU B 48 -24.51 -2.48 13.00
CA LEU B 48 -23.31 -1.69 13.25
C LEU B 48 -22.78 -1.83 14.69
N GLU B 49 -23.68 -1.87 15.70
CA GLU B 49 -23.33 -2.04 17.13
C GLU B 49 -22.65 -3.39 17.31
N GLU B 50 -23.20 -4.45 16.67
CA GLU B 50 -22.63 -5.81 16.73
C GLU B 50 -21.24 -5.83 16.09
N ARG B 51 -21.09 -5.19 14.90
CA ARG B 51 -19.84 -5.10 14.15
C ARG B 51 -18.77 -4.34 14.92
N VAL B 52 -19.14 -3.18 15.53
CA VAL B 52 -18.25 -2.37 16.37
C VAL B 52 -17.82 -3.19 17.62
N ALA B 53 -18.79 -3.80 18.36
CA ALA B 53 -18.46 -4.59 19.54
C ALA B 53 -17.50 -5.75 19.22
N LEU B 54 -17.73 -6.45 18.08
CA LEU B 54 -16.86 -7.54 17.65
C LEU B 54 -15.46 -7.10 17.34
N ALA B 55 -15.31 -5.98 16.59
CA ALA B 55 -13.98 -5.45 16.20
C ALA B 55 -13.23 -4.92 17.41
N GLN B 56 -13.94 -4.35 18.37
CA GLN B 56 -13.40 -3.86 19.65
C GLN B 56 -12.75 -5.00 20.42
N GLN B 57 -13.50 -6.09 20.66
N GLN B 57 -13.50 -6.09 20.67
CA GLN B 57 -13.04 -7.30 21.35
CA GLN B 57 -13.02 -7.28 21.37
C GLN B 57 -11.84 -7.94 20.63
C GLN B 57 -11.85 -7.95 20.64
N ALA B 58 -11.96 -8.10 19.30
CA ALA B 58 -10.90 -8.72 18.48
C ALA B 58 -9.64 -7.86 18.31
N THR B 59 -9.67 -6.54 18.64
CA THR B 59 -8.47 -5.69 18.50
C THR B 59 -7.99 -5.11 19.84
N ALA B 60 -8.59 -5.53 20.95
CA ALA B 60 -8.31 -5.03 22.31
C ALA B 60 -6.84 -5.14 22.76
N HIS B 61 -6.07 -6.10 22.20
CA HIS B 61 -4.65 -6.34 22.47
C HIS B 61 -3.74 -5.34 21.71
N LEU B 62 -4.33 -4.53 20.82
CA LEU B 62 -3.62 -3.52 20.04
C LEU B 62 -3.92 -2.15 20.64
N GLY B 63 -2.95 -1.63 21.38
CA GLY B 63 -3.07 -0.37 22.11
C GLY B 63 -3.33 0.87 21.28
N ASN B 64 -2.90 0.89 20.01
CA ASN B 64 -3.08 2.09 19.19
C ASN B 64 -4.19 1.95 18.13
N VAL B 65 -5.20 1.12 18.43
CA VAL B 65 -6.38 0.94 17.58
C VAL B 65 -7.59 1.53 18.27
N GLU B 66 -8.38 2.28 17.52
CA GLU B 66 -9.64 2.87 17.95
C GLU B 66 -10.73 2.35 17.01
N VAL B 67 -11.75 1.62 17.54
CA VAL B 67 -12.85 1.16 16.69
C VAL B 67 -13.98 2.21 16.71
N VAL B 68 -14.41 2.68 15.53
CA VAL B 68 -15.42 3.75 15.42
C VAL B 68 -16.34 3.45 14.23
N GLY B 69 -17.63 3.74 14.40
CA GLY B 69 -18.60 3.64 13.33
C GLY B 69 -18.69 4.97 12.57
N PHE B 70 -19.12 4.93 11.31
CA PHE B 70 -19.32 6.15 10.51
C PHE B 70 -20.37 5.90 9.44
N SER B 71 -21.09 6.95 9.04
CA SER B 71 -22.15 6.87 8.04
C SER B 71 -21.93 7.82 6.86
N ASP B 72 -20.94 8.73 6.99
N ASP B 72 -20.97 8.72 6.98
CA ASP B 72 -20.58 9.68 5.93
CA ASP B 72 -20.64 9.65 5.90
C ASP B 72 -19.71 9.00 4.87
C ASP B 72 -19.75 8.98 4.85
N LEU B 73 -19.34 9.76 3.84
CA LEU B 73 -18.43 9.37 2.80
C LEU B 73 -17.13 9.13 3.59
N MET B 74 -16.35 8.06 3.24
N MET B 74 -16.46 8.06 3.28
CA MET B 74 -15.10 7.67 3.94
CA MET B 74 -15.25 7.73 3.95
C MET B 74 -13.99 8.74 3.87
C MET B 74 -14.29 8.95 4.04
N ALA B 75 -14.07 9.67 2.91
CA ALA B 75 -13.15 10.82 2.81
C ALA B 75 -13.58 11.91 3.79
N ASN B 76 -14.91 12.18 3.89
CA ASN B 76 -15.48 13.17 4.83
C ASN B 76 -15.16 12.75 6.27
N PHE B 77 -15.24 11.43 6.58
CA PHE B 77 -14.90 10.94 7.92
C PHE B 77 -13.41 11.10 8.19
N ALA B 78 -12.56 10.65 7.26
CA ALA B 78 -11.10 10.77 7.35
C ALA B 78 -10.68 12.23 7.60
N ARG B 79 -11.31 13.19 6.87
CA ARG B 79 -11.01 14.61 6.99
C ARG B 79 -11.32 15.10 8.38
N ASN B 80 -12.51 14.76 8.89
CA ASN B 80 -12.95 15.18 10.21
C ASN B 80 -12.19 14.48 11.35
N GLN B 81 -11.57 13.32 11.06
CA GLN B 81 -10.76 12.57 12.02
C GLN B 81 -9.30 13.00 11.96
N HIS B 82 -8.98 13.95 11.05
CA HIS B 82 -7.60 14.44 10.84
C HIS B 82 -6.66 13.26 10.46
N ALA B 83 -7.16 12.31 9.65
CA ALA B 83 -6.32 11.21 9.19
C ALA B 83 -5.62 11.64 7.89
N THR B 84 -4.34 11.24 7.71
CA THR B 84 -3.61 11.60 6.49
C THR B 84 -3.24 10.34 5.71
N VAL B 85 -3.61 9.18 6.26
CA VAL B 85 -3.30 7.86 5.69
C VAL B 85 -4.58 7.01 5.65
N LEU B 86 -4.88 6.44 4.48
CA LEU B 86 -6.02 5.56 4.27
C LEU B 86 -5.50 4.13 3.96
N ILE B 87 -5.68 3.22 4.90
CA ILE B 87 -5.26 1.81 4.78
C ILE B 87 -6.26 1.03 3.95
N ARG B 88 -5.76 0.33 2.93
CA ARG B 88 -6.55 -0.59 2.12
C ARG B 88 -5.79 -1.90 2.06
N GLY B 89 -6.50 -2.99 2.35
CA GLY B 89 -5.94 -4.33 2.29
C GLY B 89 -6.03 -4.77 0.85
N LEU B 90 -4.95 -5.32 0.30
CA LEU B 90 -4.90 -5.77 -1.09
C LEU B 90 -4.72 -7.27 -1.14
N ARG B 91 -5.71 -8.01 -1.64
CA ARG B 91 -5.59 -9.47 -1.73
C ARG B 91 -5.22 -9.97 -3.11
N ALA B 92 -5.94 -9.53 -4.17
CA ALA B 92 -5.73 -10.01 -5.54
C ALA B 92 -6.18 -9.01 -6.65
N VAL B 93 -5.91 -9.36 -7.93
CA VAL B 93 -6.15 -8.59 -9.17
C VAL B 93 -7.58 -7.99 -9.27
N ALA B 94 -8.64 -8.82 -9.07
CA ALA B 94 -10.05 -8.41 -9.18
C ALA B 94 -10.41 -7.18 -8.34
N ASP B 95 -9.99 -7.14 -7.08
CA ASP B 95 -10.26 -6.01 -6.21
C ASP B 95 -9.41 -4.79 -6.57
N PHE B 96 -8.16 -5.01 -7.03
CA PHE B 96 -7.18 -4.00 -7.43
C PHE B 96 -7.74 -2.95 -8.41
N GLU B 97 -8.53 -3.39 -9.40
CA GLU B 97 -9.16 -2.51 -10.38
C GLU B 97 -10.10 -1.51 -9.69
N TYR B 98 -10.94 -2.01 -8.76
CA TYR B 98 -11.85 -1.15 -8.00
C TYR B 98 -11.06 -0.28 -7.01
N GLU B 99 -9.95 -0.83 -6.48
CA GLU B 99 -9.08 -0.14 -5.54
C GLU B 99 -8.47 1.12 -6.15
N MET B 100 -8.08 1.06 -7.42
N MET B 100 -8.07 1.05 -7.43
CA MET B 100 -7.50 2.21 -8.13
CA MET B 100 -7.51 2.15 -8.21
C MET B 100 -8.55 3.28 -8.40
C MET B 100 -8.55 3.25 -8.37
N GLN B 101 -9.79 2.86 -8.71
CA GLN B 101 -10.93 3.76 -8.92
C GLN B 101 -11.22 4.47 -7.60
N LEU B 102 -11.35 3.70 -6.50
CA LEU B 102 -11.58 4.23 -5.15
C LEU B 102 -10.48 5.17 -4.70
N ALA B 103 -9.21 4.78 -4.93
CA ALA B 103 -8.07 5.60 -4.53
C ALA B 103 -7.96 6.91 -5.31
N HIS B 104 -8.25 6.88 -6.63
CA HIS B 104 -8.26 8.13 -7.41
C HIS B 104 -9.43 9.06 -7.00
N MET B 105 -10.58 8.48 -6.66
CA MET B 105 -11.75 9.23 -6.21
C MET B 105 -11.44 9.87 -4.84
N ASN B 106 -10.88 9.07 -3.91
CA ASN B 106 -10.49 9.58 -2.60
C ASN B 106 -9.45 10.67 -2.69
N ARG B 107 -8.56 10.63 -3.71
CA ARG B 107 -7.54 11.64 -3.92
C ARG B 107 -8.16 12.95 -4.41
N HIS B 108 -9.20 12.87 -5.26
CA HIS B 108 -9.96 14.00 -5.74
C HIS B 108 -10.71 14.66 -4.59
N LEU B 109 -11.30 13.83 -3.72
CA LEU B 109 -12.13 14.30 -2.60
C LEU B 109 -11.28 14.91 -1.50
N MET B 110 -10.14 14.26 -1.19
CA MET B 110 -9.28 14.71 -0.12
C MET B 110 -7.83 14.48 -0.53
N PRO B 111 -7.21 15.47 -1.23
CA PRO B 111 -5.80 15.32 -1.68
C PRO B 111 -4.79 15.00 -0.57
N GLU B 112 -4.99 15.56 0.62
CA GLU B 112 -4.13 15.40 1.79
C GLU B 112 -4.24 14.00 2.45
N LEU B 113 -5.13 13.12 1.93
CA LEU B 113 -5.26 11.75 2.43
C LEU B 113 -4.50 10.86 1.46
N GLU B 114 -3.57 10.06 1.98
CA GLU B 114 -2.79 9.20 1.11
C GLU B 114 -3.23 7.72 1.23
N SER B 115 -3.66 7.09 0.11
CA SER B 115 -4.04 5.68 0.12
C SER B 115 -2.81 4.77 0.19
N VAL B 116 -2.78 3.85 1.16
CA VAL B 116 -1.66 2.90 1.31
C VAL B 116 -2.20 1.50 1.24
N PHE B 117 -1.59 0.68 0.42
CA PHE B 117 -2.03 -0.69 0.26
C PHE B 117 -1.09 -1.63 0.98
N LEU B 118 -1.67 -2.41 1.89
CA LEU B 118 -0.98 -3.43 2.67
C LEU B 118 -1.37 -4.81 2.17
N MET B 119 -0.46 -5.75 2.31
CA MET B 119 -0.69 -7.09 1.83
C MET B 119 -0.90 -8.06 3.00
N PRO B 120 -2.00 -8.84 3.01
CA PRO B 120 -2.17 -9.79 4.11
C PRO B 120 -1.29 -11.02 3.90
N SER B 121 -1.17 -11.80 4.97
CA SER B 121 -0.49 -13.09 4.98
C SER B 121 -1.10 -13.95 3.84
N LYS B 122 -0.29 -14.85 3.25
CA LYS B 122 -0.75 -15.78 2.21
C LYS B 122 -1.97 -16.54 2.76
N GLU B 123 -1.99 -16.77 4.10
CA GLU B 123 -3.01 -17.50 4.84
C GLU B 123 -4.41 -16.92 4.63
N TRP B 124 -4.52 -15.58 4.51
CA TRP B 124 -5.80 -14.87 4.34
C TRP B 124 -5.94 -14.20 2.98
N SER B 125 -5.07 -14.53 2.03
CA SER B 125 -5.08 -13.87 0.72
C SER B 125 -6.21 -14.31 -0.23
N PHE B 126 -6.98 -15.33 0.14
CA PHE B 126 -8.02 -15.90 -0.71
C PHE B 126 -9.39 -15.95 -0.06
N ILE B 127 -9.59 -15.20 1.03
CA ILE B 127 -10.87 -15.13 1.74
C ILE B 127 -11.45 -13.72 1.71
N SER B 128 -12.74 -13.60 2.01
CA SER B 128 -13.47 -12.34 2.13
C SER B 128 -14.56 -12.59 3.14
N SER B 129 -15.13 -11.52 3.73
CA SER B 129 -16.25 -11.65 4.65
C SER B 129 -17.43 -12.31 3.90
N SER B 130 -17.59 -11.94 2.62
CA SER B 130 -18.65 -12.44 1.74
C SER B 130 -18.61 -13.97 1.61
N LEU B 131 -17.45 -14.51 1.23
CA LEU B 131 -17.22 -15.95 1.08
C LEU B 131 -17.36 -16.67 2.43
N VAL B 132 -16.82 -16.07 3.51
CA VAL B 132 -16.92 -16.67 4.84
C VAL B 132 -18.41 -16.81 5.25
N LYS B 133 -19.20 -15.73 5.13
CA LYS B 133 -20.64 -15.74 5.43
C LYS B 133 -21.36 -16.80 4.59
N GLU B 134 -21.08 -16.88 3.26
CA GLU B 134 -21.74 -17.84 2.36
C GLU B 134 -21.50 -19.28 2.82
N VAL B 135 -20.23 -19.62 3.14
CA VAL B 135 -19.83 -20.96 3.63
C VAL B 135 -20.56 -21.29 4.93
N ALA B 136 -20.51 -20.35 5.89
CA ALA B 136 -21.15 -20.49 7.20
C ALA B 136 -22.69 -20.68 7.05
N ARG B 137 -23.34 -19.86 6.19
CA ARG B 137 -24.80 -19.98 5.93
C ARG B 137 -25.15 -21.37 5.37
N HIS B 138 -24.22 -21.97 4.62
CA HIS B 138 -24.39 -23.26 3.98
C HIS B 138 -23.75 -24.40 4.76
N GLN B 139 -23.55 -24.20 6.09
CA GLN B 139 -23.11 -25.23 7.03
C GLN B 139 -21.68 -25.72 6.80
N GLY B 140 -20.80 -24.78 6.47
CA GLY B 140 -19.39 -25.03 6.31
C GLY B 140 -18.61 -24.47 7.48
N ASP B 141 -17.43 -25.04 7.71
CA ASP B 141 -16.55 -24.69 8.79
C ASP B 141 -15.66 -23.49 8.47
N VAL B 142 -15.92 -22.35 9.12
CA VAL B 142 -15.17 -21.11 8.96
C VAL B 142 -14.37 -20.70 10.21
N THR B 143 -14.30 -21.55 11.24
CA THR B 143 -13.59 -21.29 12.51
C THR B 143 -12.19 -20.74 12.28
N HIS B 144 -11.47 -21.31 11.31
CA HIS B 144 -10.09 -20.94 11.02
C HIS B 144 -9.93 -19.48 10.53
N PHE B 145 -10.96 -18.88 9.95
CA PHE B 145 -10.85 -17.54 9.38
C PHE B 145 -11.27 -16.41 10.28
N LEU B 146 -11.73 -16.73 11.51
CA LEU B 146 -12.30 -15.70 12.38
C LEU B 146 -11.73 -15.62 13.76
N PRO B 147 -11.74 -14.43 14.38
CA PRO B 147 -11.40 -14.36 15.82
C PRO B 147 -12.43 -15.21 16.59
N GLU B 148 -12.04 -15.77 17.74
CA GLU B 148 -12.91 -16.62 18.53
C GLU B 148 -14.27 -15.95 18.85
N ASN B 149 -14.28 -14.67 19.26
CA ASN B 149 -15.53 -13.95 19.59
C ASN B 149 -16.43 -13.82 18.36
N VAL B 150 -15.83 -13.65 17.19
CA VAL B 150 -16.57 -13.55 15.94
C VAL B 150 -17.19 -14.90 15.59
N HIS B 151 -16.44 -15.98 15.78
CA HIS B 151 -16.89 -17.36 15.55
C HIS B 151 -18.15 -17.65 16.40
N GLN B 152 -18.11 -17.32 17.71
N GLN B 152 -18.12 -17.32 17.72
CA GLN B 152 -19.20 -17.47 18.67
CA GLN B 152 -19.23 -17.50 18.64
C GLN B 152 -20.46 -16.69 18.24
C GLN B 152 -20.47 -16.69 18.23
N ALA B 153 -20.28 -15.40 17.85
CA ALA B 153 -21.38 -14.51 17.42
C ALA B 153 -22.01 -14.98 16.12
N LEU B 154 -21.18 -15.48 15.18
CA LEU B 154 -21.65 -15.98 13.89
C LEU B 154 -22.52 -17.23 14.04
N MET B 155 -22.12 -18.17 14.91
CA MET B 155 -22.91 -19.38 15.16
C MET B 155 -24.26 -18.99 15.76
N ALA B 156 -24.25 -18.05 16.74
CA ALA B 156 -25.46 -17.56 17.41
C ALA B 156 -26.38 -16.90 16.38
N LYS B 157 -25.82 -16.06 15.48
CA LYS B 157 -26.59 -15.39 14.42
C LYS B 157 -27.28 -16.41 13.48
N LEU B 158 -26.51 -17.39 12.97
CA LEU B 158 -27.03 -18.39 12.04
C LEU B 158 -28.01 -19.38 12.65
N ALA B 159 -27.90 -19.62 13.96
CA ALA B 159 -28.80 -20.53 14.68
C ALA B 159 -30.25 -20.00 14.68
N VAL B 160 -30.40 -18.67 14.74
CA VAL B 160 -31.67 -17.93 14.75
C VAL B 160 -31.79 -16.99 13.55
#